data_7ONW
#
_entry.id   7ONW
#
_cell.length_a   106.904
_cell.length_b   106.904
_cell.length_c   285.830
_cell.angle_alpha   90.000
_cell.angle_beta   90.000
_cell.angle_gamma   120.000
#
_symmetry.space_group_name_H-M   'P 64 2 2'
#
loop_
_entity.id
_entity.type
_entity.pdbx_description
1 polymer 'Peptidoglycan D,D-transpeptidase FtsI'
2 non-polymer '(2S)-2-[(Z)-[1-(2-azanyl-1,3-thiazol-4-yl)-2-[[(2S)-3-methyl-1-oxidanylidene-3-(sulfooxyamino)butan-2-yl]amino]-2-oxidanylidene-ethylidene]amino]oxy-3-[4-[N-[(3R)-piperidin-3-yl]carbamimidoyl]phenoxy]propanoic acid'
3 non-polymer 'PHOSPHATE ION'
4 non-polymer (4S)-2-METHYL-2,4-PENTANEDIOL
5 water water
#
_entity_poly.entity_id   1
_entity_poly.type   'polypeptide(L)'
_entity_poly.pdbx_seq_one_letter_code
;MGSSHHHHHHSSGLVPRGSHMASMSPDMLVKEGDMRSLRVQQVSTSRGMITDRSGRPLAVSVPVKAIWADPKEVHDAGGI
SVGDRWKALANALNIPLDQLSARINANPKGRFIYLARQVNPDMADYIKKLKLPGIHLREESRRYYPSGEVTAHLIGFTNV
DSQGIEGVEKSFDKWLTGQPGERIVRKDRYGRVIEDISSTDSQAAHNLALSIDERLQALVYRELNNAVAFNKAESGSAVL
VDVNTGEVLAMANSPSYNPNNLSGTPKEAMRNRTITDVFEPGSTVKPMVVMTALQRGVVRENSVLNTIPYRINGHEIKDV
ARYSELTLTGVLQKSSNVGVSKLALAMPSSALVDTYSRFGLGKATNLGLVGERSGLYPQKQRWSDIERATFSFGYGLMVT
PLQLARVYATIGSYGIYRPLSITKVDPPVPGERVFPESIVRTVVHMMESVALPGGGGVKAAIKGYRIAIKTGTAKKVGPD
GRYINKYIAYTAGVAPASQPRFALVVVINDPQAGKYYGGAVSAPVFGAIMGGVLRTMNIEPDALTTGDKNEFVINQGEGT
GGRS
;
_entity_poly.pdbx_strand_id   A
#
# COMPACT_ATOMS: atom_id res chain seq x y z
N LEU A 38 -43.54 -14.70 -0.19
CA LEU A 38 -43.18 -13.33 -0.55
C LEU A 38 -42.13 -12.77 0.41
N ARG A 39 -40.99 -12.36 -0.14
CA ARG A 39 -39.90 -11.80 0.64
C ARG A 39 -39.69 -10.35 0.22
N VAL A 40 -39.70 -9.45 1.21
CA VAL A 40 -39.52 -8.02 0.96
C VAL A 40 -38.21 -7.51 1.54
N GLN A 41 -37.34 -8.40 2.01
CA GLN A 41 -36.06 -8.03 2.60
C GLN A 41 -34.94 -8.60 1.74
N GLN A 42 -34.03 -7.74 1.29
CA GLN A 42 -32.98 -8.18 0.38
C GLN A 42 -31.85 -8.87 1.13
N VAL A 43 -31.38 -8.29 2.22
CA VAL A 43 -30.29 -8.85 3.02
C VAL A 43 -30.65 -8.76 4.49
N SER A 44 -30.56 -9.89 5.20
CA SER A 44 -30.88 -9.94 6.63
C SER A 44 -30.06 -11.05 7.26
N THR A 45 -28.76 -10.80 7.43
CA THR A 45 -27.86 -11.76 8.05
C THR A 45 -26.64 -11.02 8.56
N SER A 46 -25.79 -11.74 9.28
CA SER A 46 -24.58 -11.17 9.86
C SER A 46 -23.41 -11.31 8.89
N ARG A 47 -22.28 -10.72 9.28
CA ARG A 47 -21.09 -10.66 8.44
C ARG A 47 -19.90 -11.26 9.18
N GLY A 48 -18.79 -11.43 8.46
CA GLY A 48 -17.63 -12.13 8.97
C GLY A 48 -16.70 -11.23 9.77
N MET A 49 -15.48 -11.73 9.99
CA MET A 49 -14.48 -11.06 10.79
C MET A 49 -13.13 -11.16 10.11
N ILE A 50 -12.38 -10.06 10.11
CA ILE A 50 -11.06 -9.98 9.49
C ILE A 50 -10.02 -9.95 10.59
N THR A 51 -8.99 -10.78 10.45
CA THR A 51 -7.87 -10.83 11.38
C THR A 51 -6.56 -10.76 10.61
N ASP A 52 -5.47 -10.51 11.34
CA ASP A 52 -4.16 -10.54 10.74
C ASP A 52 -3.63 -11.97 10.72
N ARG A 53 -2.37 -12.14 10.30
CA ARG A 53 -1.81 -13.48 10.14
C ARG A 53 -1.64 -14.20 11.48
N SER A 54 -1.65 -13.47 12.60
CA SER A 54 -1.55 -14.09 13.91
C SER A 54 -2.90 -14.34 14.57
N GLY A 55 -3.96 -13.67 14.09
CA GLY A 55 -5.28 -13.79 14.68
C GLY A 55 -5.78 -12.56 15.41
N ARG A 56 -5.03 -11.46 15.38
CA ARG A 56 -5.46 -10.26 16.08
C ARG A 56 -6.63 -9.61 15.33
N PRO A 57 -7.66 -9.16 16.03
CA PRO A 57 -8.82 -8.55 15.36
C PRO A 57 -8.44 -7.28 14.63
N LEU A 58 -8.78 -7.23 13.33
CA LEU A 58 -8.62 -6.02 12.53
C LEU A 58 -9.95 -5.44 12.05
N ALA A 59 -11.04 -6.22 12.14
CA ALA A 59 -12.35 -5.77 11.67
C ALA A 59 -13.39 -6.69 12.29
N VAL A 60 -14.09 -6.19 13.30
CA VAL A 60 -15.05 -6.99 14.07
C VAL A 60 -16.43 -6.37 13.91
N SER A 61 -17.43 -7.24 13.76
CA SER A 61 -18.82 -6.80 13.71
C SER A 61 -19.37 -6.63 15.12
N VAL A 62 -20.11 -5.55 15.33
CA VAL A 62 -20.73 -5.23 16.61
C VAL A 62 -22.24 -5.22 16.41
N PRO A 63 -22.99 -6.03 17.14
CA PRO A 63 -24.46 -6.06 16.95
C PRO A 63 -25.11 -4.81 17.52
N VAL A 64 -25.94 -4.18 16.71
CA VAL A 64 -26.69 -2.99 17.11
C VAL A 64 -28.13 -3.14 16.62
N LYS A 65 -29.07 -2.61 17.41
CA LYS A 65 -30.48 -2.66 17.06
C LYS A 65 -30.86 -1.48 16.18
N ALA A 66 -31.80 -1.72 15.27
CA ALA A 66 -32.30 -0.70 14.36
C ALA A 66 -33.81 -0.78 14.31
N ILE A 67 -34.47 0.37 14.38
CA ILE A 67 -35.93 0.44 14.41
C ILE A 67 -36.45 0.60 12.98
N TRP A 68 -37.37 -0.26 12.59
CA TRP A 68 -38.03 -0.18 11.30
C TRP A 68 -39.53 -0.37 11.48
N ALA A 69 -40.28 -0.17 10.41
CA ALA A 69 -41.73 -0.25 10.48
C ALA A 69 -42.28 -0.83 9.18
N ASP A 70 -43.50 -1.35 9.27
CA ASP A 70 -44.22 -1.89 8.13
C ASP A 70 -45.32 -0.90 7.74
N PRO A 71 -45.14 -0.10 6.69
CA PRO A 71 -46.16 0.91 6.37
C PRO A 71 -47.46 0.32 5.84
N LYS A 72 -47.40 -0.81 5.12
CA LYS A 72 -48.62 -1.44 4.64
C LYS A 72 -49.46 -2.03 5.77
N GLU A 73 -48.83 -2.34 6.92
CA GLU A 73 -49.58 -2.90 8.03
C GLU A 73 -50.49 -1.86 8.67
N VAL A 74 -50.05 -0.60 8.71
CA VAL A 74 -50.83 0.43 9.37
C VAL A 74 -52.03 0.82 8.51
N HIS A 75 -51.79 1.08 7.22
CA HIS A 75 -52.86 1.57 6.35
C HIS A 75 -53.91 0.48 6.10
N ASP A 76 -53.48 -0.76 5.92
CA ASP A 76 -54.42 -1.82 5.56
C ASP A 76 -55.30 -2.22 6.74
N ALA A 77 -54.71 -2.39 7.92
CA ALA A 77 -55.46 -2.87 9.08
C ALA A 77 -55.18 -2.10 10.37
N GLY A 78 -53.99 -1.55 10.56
CA GLY A 78 -53.70 -0.86 11.81
C GLY A 78 -54.41 0.48 11.93
N GLY A 79 -54.48 1.23 10.84
CA GLY A 79 -55.10 2.54 10.87
C GLY A 79 -54.18 3.60 11.42
N ILE A 80 -53.81 4.57 10.59
CA ILE A 80 -52.94 5.66 11.04
C ILE A 80 -53.66 6.47 12.09
N SER A 81 -53.05 6.62 13.26
CA SER A 81 -53.67 7.30 14.38
C SER A 81 -52.71 8.35 14.94
N VAL A 82 -53.26 9.27 15.73
CA VAL A 82 -52.51 10.32 16.38
C VAL A 82 -52.83 10.30 17.87
N GLY A 83 -51.97 10.96 18.65
CA GLY A 83 -52.10 10.93 20.09
C GLY A 83 -51.62 9.62 20.66
N ASP A 84 -52.35 9.10 21.64
CA ASP A 84 -52.10 7.76 22.21
C ASP A 84 -50.68 7.77 22.76
N ARG A 85 -49.99 6.62 22.71
CA ARG A 85 -48.55 6.57 22.89
C ARG A 85 -47.80 6.69 21.57
N TRP A 86 -48.54 6.72 20.46
CA TRP A 86 -47.95 6.93 19.14
C TRP A 86 -47.09 8.19 19.11
N LYS A 87 -47.56 9.26 19.76
CA LYS A 87 -46.80 10.50 19.79
C LYS A 87 -45.53 10.34 20.63
N ALA A 88 -45.60 9.58 21.72
CA ALA A 88 -44.40 9.36 22.53
C ALA A 88 -43.37 8.51 21.80
N LEU A 89 -43.82 7.66 20.87
CA LEU A 89 -42.88 6.88 20.07
C LEU A 89 -42.02 7.80 19.20
N ALA A 90 -42.63 8.80 18.57
CA ALA A 90 -41.86 9.75 17.79
C ALA A 90 -41.06 10.69 18.69
N ASN A 91 -41.56 10.97 19.89
CA ASN A 91 -40.83 11.82 20.82
C ASN A 91 -39.58 11.13 21.36
N ALA A 92 -39.58 9.80 21.41
CA ALA A 92 -38.40 9.07 21.85
C ALA A 92 -37.34 9.00 20.76
N LEU A 93 -37.74 8.94 19.49
CA LEU A 93 -36.80 8.94 18.38
C LEU A 93 -36.31 10.34 18.03
N ASN A 94 -36.78 11.36 18.74
CA ASN A 94 -36.43 12.76 18.46
C ASN A 94 -36.74 13.12 17.02
N ILE A 95 -37.85 12.59 16.51
CA ILE A 95 -38.36 12.94 15.18
C ILE A 95 -39.79 13.45 15.38
N PRO A 96 -40.13 14.61 14.82
CA PRO A 96 -41.49 15.15 15.03
C PRO A 96 -42.56 14.17 14.56
N LEU A 97 -43.63 14.07 15.35
CA LEU A 97 -44.71 13.14 15.05
C LEU A 97 -45.42 13.48 13.75
N ASP A 98 -45.34 14.73 13.30
CA ASP A 98 -46.00 15.10 12.05
C ASP A 98 -45.23 14.56 10.85
N GLN A 99 -43.90 14.70 10.85
CA GLN A 99 -43.10 14.22 9.73
C GLN A 99 -42.79 12.73 9.84
N LEU A 100 -42.71 12.20 11.06
CA LEU A 100 -42.51 10.76 11.22
C LEU A 100 -43.73 9.99 10.71
N SER A 101 -44.93 10.51 10.95
CA SER A 101 -46.12 9.92 10.36
C SER A 101 -46.16 10.13 8.86
N ALA A 102 -45.52 11.19 8.36
CA ALA A 102 -45.49 11.44 6.93
C ALA A 102 -44.52 10.52 6.21
N ARG A 103 -43.47 10.06 6.89
CA ARG A 103 -42.51 9.15 6.27
C ARG A 103 -43.09 7.75 6.11
N ILE A 104 -43.83 7.28 7.12
CA ILE A 104 -44.46 5.97 7.03
C ILE A 104 -45.63 6.01 6.06
N ASN A 105 -46.43 7.07 6.12
CA ASN A 105 -47.56 7.22 5.22
C ASN A 105 -47.15 7.60 3.80
N ALA A 106 -45.86 7.85 3.57
CA ALA A 106 -45.39 8.23 2.23
C ALA A 106 -45.68 7.15 1.20
N ASN A 107 -45.84 5.90 1.63
CA ASN A 107 -46.15 4.81 0.72
C ASN A 107 -47.02 3.78 1.43
N PRO A 108 -48.27 3.58 1.00
CA PRO A 108 -49.14 2.61 1.65
C PRO A 108 -48.96 1.18 1.16
N LYS A 109 -48.07 0.95 0.20
CA LYS A 109 -47.86 -0.37 -0.37
C LYS A 109 -46.55 -1.02 0.07
N GLY A 110 -45.55 -0.24 0.46
CA GLY A 110 -44.30 -0.82 0.89
C GLY A 110 -44.44 -1.64 2.16
N ARG A 111 -43.45 -2.50 2.39
CA ARG A 111 -43.44 -3.38 3.55
C ARG A 111 -42.24 -3.15 4.45
N PHE A 112 -41.50 -2.07 4.25
CA PHE A 112 -40.29 -1.82 5.03
C PHE A 112 -39.91 -0.35 4.93
N ILE A 113 -39.52 0.23 6.06
CA ILE A 113 -39.10 1.63 6.12
C ILE A 113 -38.22 1.84 7.34
N TYR A 114 -37.06 2.44 7.16
CA TYR A 114 -36.09 2.63 8.24
C TYR A 114 -36.47 3.87 9.05
N LEU A 115 -36.83 3.67 10.32
CA LEU A 115 -37.14 4.80 11.17
C LEU A 115 -35.88 5.36 11.82
N ALA A 116 -35.05 4.48 12.37
CA ALA A 116 -33.80 4.87 13.00
C ALA A 116 -32.75 3.81 12.71
N ARG A 117 -31.49 4.16 12.99
CA ARG A 117 -30.36 3.29 12.72
C ARG A 117 -29.46 3.25 13.95
N GLN A 118 -28.97 2.04 14.26
CA GLN A 118 -28.02 1.83 15.36
C GLN A 118 -28.58 2.30 16.70
N VAL A 119 -29.80 1.85 17.00
CA VAL A 119 -30.47 2.21 18.25
C VAL A 119 -29.90 1.38 19.38
N ASN A 120 -29.72 2.00 20.54
CA ASN A 120 -29.21 1.29 21.69
C ASN A 120 -30.29 0.39 22.27
N PRO A 121 -29.91 -0.70 22.96
CA PRO A 121 -30.93 -1.67 23.41
C PRO A 121 -31.87 -1.14 24.47
N ASP A 122 -31.39 -0.32 25.40
CA ASP A 122 -32.22 0.09 26.53
C ASP A 122 -33.37 0.99 26.12
N MET A 123 -33.18 1.79 25.07
CA MET A 123 -34.28 2.64 24.58
C MET A 123 -35.06 1.97 23.45
N ALA A 124 -34.43 1.07 22.69
CA ALA A 124 -35.17 0.32 21.68
C ALA A 124 -36.12 -0.67 22.31
N ASP A 125 -35.75 -1.25 23.45
CA ASP A 125 -36.65 -2.16 24.15
C ASP A 125 -37.88 -1.42 24.67
N TYR A 126 -37.75 -0.12 24.91
CA TYR A 126 -38.92 0.68 25.30
C TYR A 126 -39.83 0.94 24.11
N ILE A 127 -39.25 1.14 22.93
CA ILE A 127 -40.07 1.35 21.73
C ILE A 127 -40.84 0.08 21.38
N LYS A 128 -40.21 -1.08 21.51
CA LYS A 128 -40.92 -2.33 21.29
C LYS A 128 -41.97 -2.59 22.37
N LYS A 129 -41.72 -2.13 23.60
CA LYS A 129 -42.69 -2.30 24.67
C LYS A 129 -43.90 -1.40 24.50
N LEU A 130 -43.81 -0.36 23.67
CA LEU A 130 -44.95 0.51 23.41
C LEU A 130 -46.05 -0.16 22.59
N LYS A 131 -45.77 -1.34 22.03
CA LYS A 131 -46.77 -2.14 21.31
C LYS A 131 -47.35 -1.36 20.13
N LEU A 132 -46.46 -0.95 19.23
CA LEU A 132 -46.92 -0.27 18.02
C LEU A 132 -47.39 -1.29 16.99
N PRO A 133 -48.52 -1.04 16.34
CA PRO A 133 -49.06 -2.02 15.39
C PRO A 133 -48.28 -2.13 14.08
N GLY A 134 -47.19 -1.40 13.92
CA GLY A 134 -46.43 -1.46 12.69
C GLY A 134 -44.93 -1.45 12.91
N ILE A 135 -44.48 -0.82 13.98
CA ILE A 135 -43.05 -0.69 14.28
C ILE A 135 -42.52 -2.02 14.78
N HIS A 136 -41.35 -2.40 14.29
CA HIS A 136 -40.67 -3.63 14.71
C HIS A 136 -39.21 -3.32 15.03
N LEU A 137 -38.53 -4.32 15.58
CA LEU A 137 -37.11 -4.23 15.86
C LEU A 137 -36.36 -5.25 15.02
N ARG A 138 -35.11 -4.93 14.68
CA ARG A 138 -34.30 -5.79 13.84
C ARG A 138 -32.84 -5.65 14.24
N GLU A 139 -32.16 -6.78 14.40
CA GLU A 139 -30.77 -6.80 14.84
C GLU A 139 -29.86 -6.64 13.63
N GLU A 140 -29.16 -5.52 13.57
CA GLU A 140 -28.17 -5.25 12.54
C GLU A 140 -26.78 -5.26 13.16
N SER A 141 -25.79 -4.78 12.40
CA SER A 141 -24.41 -4.79 12.88
C SER A 141 -23.63 -3.65 12.24
N ARG A 142 -22.86 -2.96 13.06
CA ARG A 142 -21.89 -1.98 12.59
C ARG A 142 -20.49 -2.48 12.88
N ARG A 143 -19.52 -1.93 12.15
CA ARG A 143 -18.15 -2.45 12.16
C ARG A 143 -17.26 -1.64 13.08
N TYR A 144 -16.26 -2.30 13.65
CA TYR A 144 -15.24 -1.66 14.47
C TYR A 144 -13.88 -2.23 14.08
N TYR A 145 -12.89 -1.35 14.01
CA TYR A 145 -11.55 -1.74 13.57
C TYR A 145 -10.54 -1.43 14.67
N PRO A 146 -10.04 -2.43 15.39
CA PRO A 146 -9.11 -2.14 16.51
C PRO A 146 -7.85 -1.44 16.07
N SER A 147 -7.33 -1.73 14.88
CA SER A 147 -6.17 -1.00 14.38
C SER A 147 -6.52 0.45 14.08
N GLY A 148 -7.71 0.69 13.54
CA GLY A 148 -8.14 2.03 13.22
C GLY A 148 -7.41 2.64 12.04
N GLU A 149 -6.77 3.78 12.24
CA GLU A 149 -6.05 4.45 11.18
C GLU A 149 -4.72 3.80 10.85
N VAL A 150 -4.29 2.79 11.61
CA VAL A 150 -3.01 2.16 11.35
C VAL A 150 -3.09 1.25 10.11
N THR A 151 -4.25 0.65 9.87
CA THR A 151 -4.47 -0.21 8.71
C THR A 151 -5.65 0.27 7.88
N ALA A 152 -5.90 1.58 7.88
CA ALA A 152 -7.14 2.11 7.31
C ALA A 152 -7.20 1.90 5.80
N HIS A 153 -6.14 2.30 5.09
CA HIS A 153 -6.18 2.25 3.62
C HIS A 153 -6.32 0.82 3.11
N LEU A 154 -5.80 -0.16 3.84
CA LEU A 154 -5.86 -1.54 3.40
C LEU A 154 -7.15 -2.23 3.84
N ILE A 155 -7.57 -2.03 5.09
CA ILE A 155 -8.79 -2.67 5.58
C ILE A 155 -10.01 -2.10 4.88
N GLY A 156 -10.17 -0.78 4.92
CA GLY A 156 -11.32 -0.14 4.32
C GLY A 156 -12.49 0.02 5.28
N PHE A 157 -13.71 -0.01 4.75
CA PHE A 157 -14.89 0.18 5.58
C PHE A 157 -16.10 -0.41 4.86
N THR A 158 -17.25 -0.30 5.49
CA THR A 158 -18.52 -0.72 4.92
C THR A 158 -19.51 0.43 4.99
N ASN A 159 -20.60 0.31 4.24
CA ASN A 159 -21.67 1.31 4.28
C ASN A 159 -22.53 1.05 5.52
N VAL A 160 -23.65 1.78 5.64
CA VAL A 160 -24.52 1.61 6.78
C VAL A 160 -25.20 0.24 6.76
N ASP A 161 -25.29 -0.40 5.59
CA ASP A 161 -25.89 -1.72 5.46
C ASP A 161 -24.85 -2.84 5.44
N SER A 162 -23.63 -2.57 5.91
CA SER A 162 -22.56 -3.56 6.01
C SER A 162 -22.26 -4.19 4.64
N GLN A 163 -21.78 -3.35 3.74
CA GLN A 163 -21.34 -3.78 2.42
C GLN A 163 -19.97 -3.17 2.15
N GLY A 164 -18.99 -4.01 1.83
CA GLY A 164 -17.65 -3.51 1.64
C GLY A 164 -17.56 -2.53 0.49
N ILE A 165 -16.75 -1.49 0.67
CA ILE A 165 -16.62 -0.40 -0.29
C ILE A 165 -15.17 -0.22 -0.75
N GLU A 166 -14.24 -0.21 0.19
CA GLU A 166 -12.83 0.04 -0.11
C GLU A 166 -11.96 -1.03 0.53
N GLY A 167 -10.88 -1.37 -0.15
CA GLY A 167 -9.88 -2.25 0.43
C GLY A 167 -10.36 -3.68 0.53
N VAL A 168 -9.96 -4.35 1.63
CA VAL A 168 -10.29 -5.75 1.84
C VAL A 168 -11.79 -5.95 1.98
N GLU A 169 -12.49 -4.97 2.55
CA GLU A 169 -13.94 -5.09 2.72
C GLU A 169 -14.64 -5.30 1.38
N LYS A 170 -14.17 -4.61 0.34
CA LYS A 170 -14.80 -4.74 -0.97
C LYS A 170 -14.29 -5.98 -1.72
N SER A 171 -13.01 -6.29 -1.60
CA SER A 171 -12.43 -7.38 -2.37
C SER A 171 -12.93 -8.74 -1.91
N PHE A 172 -13.23 -8.89 -0.62
CA PHE A 172 -13.69 -10.16 -0.07
C PHE A 172 -15.07 -10.02 0.55
N ASP A 173 -15.95 -9.24 -0.10
CA ASP A 173 -17.29 -9.03 0.43
C ASP A 173 -18.12 -10.30 0.36
N LYS A 174 -18.19 -10.91 -0.82
CA LYS A 174 -18.98 -12.14 -0.98
C LYS A 174 -18.49 -13.25 -0.06
N TRP A 175 -17.19 -13.27 0.24
CA TRP A 175 -16.66 -14.26 1.17
C TRP A 175 -17.08 -13.95 2.60
N LEU A 176 -16.97 -12.68 3.01
CA LEU A 176 -17.30 -12.31 4.38
C LEU A 176 -18.80 -12.22 4.61
N THR A 177 -19.57 -11.80 3.61
CA THR A 177 -21.00 -11.61 3.80
C THR A 177 -21.70 -12.94 4.03
N GLY A 178 -22.57 -12.99 5.03
CA GLY A 178 -23.38 -14.15 5.31
C GLY A 178 -24.77 -14.01 4.72
N GLN A 179 -25.33 -15.14 4.31
CA GLN A 179 -26.66 -15.16 3.71
C GLN A 179 -27.36 -16.49 3.95
N ALA A 204 -23.91 -18.30 4.55
CA ALA A 204 -22.55 -18.75 4.28
C ALA A 204 -21.54 -17.76 4.84
N ALA A 205 -21.58 -17.55 6.15
CA ALA A 205 -20.66 -16.63 6.79
C ALA A 205 -19.27 -17.24 6.89
N HIS A 206 -18.26 -16.43 6.58
CA HIS A 206 -16.87 -16.86 6.62
C HIS A 206 -16.01 -15.78 7.25
N ASN A 207 -14.89 -16.20 7.84
CA ASN A 207 -13.89 -15.32 8.39
C ASN A 207 -12.80 -15.07 7.34
N LEU A 208 -11.73 -14.39 7.74
CA LEU A 208 -10.63 -14.12 6.84
C LEU A 208 -9.41 -13.72 7.65
N ALA A 209 -8.24 -14.23 7.26
CA ALA A 209 -6.97 -13.91 7.91
C ALA A 209 -6.04 -13.32 6.88
N LEU A 210 -5.66 -12.06 7.07
CA LEU A 210 -4.78 -11.37 6.14
C LEU A 210 -3.33 -11.81 6.33
N SER A 211 -2.48 -11.36 5.41
CA SER A 211 -1.05 -11.63 5.48
C SER A 211 -0.30 -10.55 6.26
N ILE A 212 -1.00 -9.57 6.82
CA ILE A 212 -0.37 -8.48 7.54
C ILE A 212 -0.01 -8.96 8.94
N ASP A 213 1.14 -8.49 9.43
CA ASP A 213 1.57 -8.73 10.81
C ASP A 213 1.42 -7.41 11.56
N GLU A 214 0.42 -7.36 12.45
CA GLU A 214 0.08 -6.09 13.10
C GLU A 214 1.25 -5.53 13.91
N ARG A 215 2.15 -6.41 14.38
CA ARG A 215 3.35 -5.93 15.07
C ARG A 215 4.22 -5.11 14.12
N LEU A 216 4.47 -5.63 12.92
CA LEU A 216 5.28 -4.88 11.96
C LEU A 216 4.47 -3.75 11.33
N GLN A 217 3.17 -3.98 11.09
CA GLN A 217 2.34 -2.95 10.47
C GLN A 217 2.28 -1.69 11.34
N ALA A 218 2.19 -1.86 12.65
CA ALA A 218 2.07 -0.70 13.54
C ALA A 218 3.37 0.09 13.62
N LEU A 219 4.52 -0.58 13.57
CA LEU A 219 5.79 0.13 13.66
C LEU A 219 6.15 0.82 12.36
N VAL A 220 5.71 0.28 11.22
CA VAL A 220 5.92 0.95 9.94
C VAL A 220 5.11 2.24 9.90
N TYR A 221 3.84 2.18 10.33
CA TYR A 221 3.00 3.37 10.36
C TYR A 221 3.55 4.41 11.33
N ARG A 222 4.01 3.95 12.51
CA ARG A 222 4.46 4.90 13.52
C ARG A 222 5.64 5.74 13.04
N GLU A 223 6.49 5.18 12.18
N GLU A 223 6.48 5.18 12.18
CA GLU A 223 7.61 5.93 11.64
CA GLU A 223 7.62 5.92 11.64
C GLU A 223 7.30 6.61 10.32
C GLU A 223 7.29 6.61 10.33
N LEU A 224 6.45 6.00 9.49
CA LEU A 224 6.09 6.63 8.22
C LEU A 224 5.17 7.83 8.44
N ASN A 225 4.23 7.72 9.37
CA ASN A 225 3.30 8.82 9.63
C ASN A 225 4.05 10.03 10.20
N ASN A 226 4.97 9.80 11.13
CA ASN A 226 5.76 10.90 11.69
C ASN A 226 6.80 11.43 10.71
N ALA A 227 7.18 10.62 9.71
CA ALA A 227 8.12 11.11 8.69
C ALA A 227 7.44 12.08 7.73
N VAL A 228 6.19 11.79 7.35
CA VAL A 228 5.44 12.69 6.50
C VAL A 228 5.16 14.00 7.23
N ALA A 229 4.86 13.92 8.53
CA ALA A 229 4.58 15.14 9.30
C ALA A 229 5.84 15.97 9.48
N PHE A 230 6.96 15.32 9.84
CA PHE A 230 8.19 16.07 10.10
C PHE A 230 8.69 16.78 8.85
N ASN A 231 8.70 16.08 7.72
CA ASN A 231 9.17 16.66 6.47
C ASN A 231 8.10 17.43 5.73
N LYS A 232 6.89 17.53 6.28
CA LYS A 232 5.79 18.27 5.66
C LYS A 232 5.53 17.78 4.24
N ALA A 233 5.61 16.47 4.06
CA ALA A 233 5.42 15.86 2.75
C ALA A 233 3.93 15.73 2.44
N GLU A 234 3.63 15.73 1.14
CA GLU A 234 2.24 15.58 0.70
C GLU A 234 1.70 14.20 1.08
N SER A 235 2.48 13.16 0.83
CA SER A 235 2.06 11.79 1.12
C SER A 235 3.27 10.96 1.53
N GLY A 236 3.02 9.69 1.80
CA GLY A 236 4.07 8.76 2.17
C GLY A 236 3.57 7.34 2.21
N SER A 237 4.23 6.43 1.49
CA SER A 237 3.83 5.05 1.40
C SER A 237 4.99 4.13 1.77
N ALA A 238 4.65 2.95 2.27
CA ALA A 238 5.65 1.97 2.67
C ALA A 238 5.05 0.58 2.56
N VAL A 239 5.78 -0.34 1.92
CA VAL A 239 5.33 -1.71 1.70
C VAL A 239 6.41 -2.66 2.16
N LEU A 240 6.02 -3.66 2.95
CA LEU A 240 6.91 -4.73 3.40
C LEU A 240 6.35 -6.06 2.94
N VAL A 241 7.20 -6.84 2.26
CA VAL A 241 6.79 -8.12 1.67
C VAL A 241 7.81 -9.18 2.05
N ASP A 242 7.33 -10.33 2.51
CA ASP A 242 8.22 -11.46 2.79
C ASP A 242 8.87 -11.93 1.50
N VAL A 243 10.18 -12.18 1.57
CA VAL A 243 10.95 -12.42 0.36
C VAL A 243 10.57 -13.76 -0.28
N ASN A 244 10.61 -14.83 0.50
CA ASN A 244 10.47 -16.18 -0.04
C ASN A 244 9.04 -16.71 0.02
N THR A 245 8.05 -15.84 0.24
CA THR A 245 6.66 -16.25 0.15
C THR A 245 5.77 -15.28 -0.63
N GLY A 246 6.19 -14.04 -0.86
CA GLY A 246 5.35 -13.10 -1.57
C GLY A 246 4.19 -12.56 -0.77
N GLU A 247 4.21 -12.76 0.55
CA GLU A 247 3.15 -12.29 1.42
C GLU A 247 3.39 -10.84 1.82
N VAL A 248 2.35 -10.02 1.71
CA VAL A 248 2.44 -8.61 2.08
C VAL A 248 2.29 -8.51 3.59
N LEU A 249 3.37 -8.13 4.29
CA LEU A 249 3.35 -8.02 5.74
C LEU A 249 2.90 -6.65 6.22
N ALA A 250 3.33 -5.58 5.56
CA ALA A 250 2.94 -4.23 5.94
C ALA A 250 2.48 -3.46 4.71
N MET A 251 1.61 -2.47 4.95
CA MET A 251 1.05 -1.64 3.89
C MET A 251 0.46 -0.37 4.50
N ALA A 252 1.29 0.64 4.75
CA ALA A 252 0.86 1.83 5.46
C ALA A 252 0.98 3.07 4.58
N ASN A 253 0.10 4.04 4.83
CA ASN A 253 0.10 5.30 4.10
C ASN A 253 -0.14 6.44 5.08
N SER A 254 0.42 7.60 4.74
CA SER A 254 0.26 8.81 5.53
C SER A 254 0.08 9.99 4.59
N PRO A 255 -0.89 10.88 4.86
CA PRO A 255 -1.80 10.81 6.01
C PRO A 255 -2.93 9.80 5.81
N SER A 256 -3.51 9.35 6.91
CA SER A 256 -4.55 8.33 6.89
C SER A 256 -5.86 8.89 7.45
N TYR A 257 -6.80 8.00 7.73
CA TYR A 257 -8.09 8.36 8.30
C TYR A 257 -8.49 7.29 9.30
N ASN A 258 -9.42 7.65 10.20
CA ASN A 258 -9.92 6.69 11.17
C ASN A 258 -11.21 6.08 10.63
N PRO A 259 -11.20 4.82 10.20
CA PRO A 259 -12.42 4.23 9.62
C PRO A 259 -13.54 4.02 10.63
N ASN A 260 -13.26 4.15 11.93
CA ASN A 260 -14.33 4.06 12.94
C ASN A 260 -15.27 5.25 12.89
N ASN A 261 -14.82 6.38 12.34
CA ASN A 261 -15.65 7.57 12.19
C ASN A 261 -15.33 8.20 10.84
N LEU A 262 -16.21 8.01 9.87
CA LEU A 262 -16.04 8.56 8.53
C LEU A 262 -16.81 9.88 8.40
N SER A 263 -16.43 10.84 9.24
CA SER A 263 -17.06 12.16 9.27
C SER A 263 -16.02 13.20 8.88
N GLY A 264 -16.27 13.90 7.77
CA GLY A 264 -15.36 14.93 7.31
C GLY A 264 -14.02 14.44 6.80
N THR A 265 -13.87 13.14 6.55
CA THR A 265 -12.62 12.62 6.01
C THR A 265 -12.54 12.92 4.53
N PRO A 266 -11.57 13.73 4.08
CA PRO A 266 -11.48 14.04 2.65
C PRO A 266 -11.12 12.79 1.84
N LYS A 267 -11.85 12.58 0.75
CA LYS A 267 -11.59 11.43 -0.11
C LYS A 267 -10.21 11.44 -0.73
N GLU A 268 -9.51 12.57 -0.70
CA GLU A 268 -8.12 12.61 -1.15
C GLU A 268 -7.22 11.79 -0.25
N ALA A 269 -7.55 11.70 1.05
CA ALA A 269 -6.79 10.92 2.01
C ALA A 269 -7.36 9.52 2.21
N MET A 270 -8.20 9.06 1.30
CA MET A 270 -8.77 7.72 1.37
C MET A 270 -8.23 6.77 0.31
N ARG A 271 -7.44 7.27 -0.64
CA ARG A 271 -6.90 6.43 -1.69
C ARG A 271 -5.71 5.62 -1.18
N ASN A 272 -5.67 4.34 -1.55
CA ASN A 272 -4.55 3.49 -1.20
C ASN A 272 -3.36 3.85 -2.07
N ARG A 273 -2.53 4.78 -1.61
CA ARG A 273 -1.45 5.32 -2.43
C ARG A 273 -0.40 4.28 -2.77
N THR A 274 -0.37 3.15 -2.06
CA THR A 274 0.57 2.10 -2.39
C THR A 274 0.22 1.41 -3.71
N ILE A 275 -1.05 1.43 -4.10
CA ILE A 275 -1.51 0.80 -5.34
C ILE A 275 -2.13 1.79 -6.30
N THR A 276 -2.28 3.05 -5.91
CA THR A 276 -2.90 4.07 -6.76
C THR A 276 -1.90 5.03 -7.37
N ASP A 277 -1.02 5.61 -6.56
CA ASP A 277 -0.06 6.58 -7.08
C ASP A 277 1.02 5.88 -7.90
N VAL A 278 1.31 6.44 -9.08
CA VAL A 278 2.37 5.96 -9.94
C VAL A 278 3.41 7.05 -10.06
N PHE A 279 4.68 6.66 -9.96
CA PHE A 279 5.79 7.58 -10.09
C PHE A 279 6.91 6.92 -10.88
N GLU A 280 7.77 7.75 -11.46
CA GLU A 280 8.99 7.25 -12.06
C GLU A 280 9.88 6.68 -10.96
N PRO A 281 10.31 5.42 -11.07
CA PRO A 281 11.07 4.82 -9.96
C PRO A 281 12.39 5.49 -9.67
N GLY A 282 12.97 6.19 -10.65
CA GLY A 282 14.21 6.90 -10.43
C GLY A 282 15.42 6.00 -10.35
N SER A 283 16.30 6.28 -9.39
CA SER A 283 17.56 5.56 -9.29
C SER A 283 17.40 4.15 -8.76
N THR A 284 16.21 3.79 -8.29
CA THR A 284 16.00 2.49 -7.66
C THR A 284 16.09 1.33 -8.64
N VAL A 285 15.95 1.59 -9.94
CA VAL A 285 16.06 0.52 -10.94
C VAL A 285 17.49 0.23 -11.34
N LYS A 286 18.46 0.96 -10.79
CA LYS A 286 19.85 0.76 -11.18
C LYS A 286 20.39 -0.63 -10.87
N PRO A 287 20.01 -1.29 -9.76
CA PRO A 287 20.44 -2.70 -9.59
C PRO A 287 20.09 -3.60 -10.76
N MET A 288 18.91 -3.41 -11.37
CA MET A 288 18.54 -4.19 -12.54
C MET A 288 19.34 -3.77 -13.77
N VAL A 289 19.84 -2.54 -13.81
CA VAL A 289 20.74 -2.14 -14.89
C VAL A 289 22.07 -2.86 -14.77
N VAL A 290 22.61 -2.96 -13.56
CA VAL A 290 23.85 -3.69 -13.34
C VAL A 290 23.63 -5.19 -13.51
N MET A 291 22.51 -5.70 -13.00
CA MET A 291 22.21 -7.12 -13.14
C MET A 291 22.09 -7.52 -14.61
N THR A 292 21.55 -6.64 -15.43
CA THR A 292 21.44 -6.94 -16.86
C THR A 292 22.79 -6.81 -17.56
N ALA A 293 23.58 -5.81 -17.19
CA ALA A 293 24.91 -5.63 -17.76
C ALA A 293 25.84 -6.80 -17.45
N LEU A 294 25.60 -7.51 -16.35
CA LEU A 294 26.43 -8.68 -16.04
C LEU A 294 26.03 -9.88 -16.88
N GLN A 295 24.72 -10.08 -17.11
CA GLN A 295 24.27 -11.20 -17.92
C GLN A 295 24.58 -10.97 -19.39
N ARG A 296 24.47 -9.73 -19.85
CA ARG A 296 24.78 -9.43 -21.24
C ARG A 296 26.28 -9.38 -21.54
N GLY A 297 27.12 -9.46 -20.51
CA GLY A 297 28.55 -9.51 -20.73
C GLY A 297 29.19 -8.18 -21.07
N VAL A 298 28.54 -7.06 -20.74
CA VAL A 298 29.15 -5.76 -21.03
C VAL A 298 30.33 -5.51 -20.12
N VAL A 299 30.21 -5.87 -18.84
CA VAL A 299 31.26 -5.67 -17.85
C VAL A 299 31.32 -6.87 -16.93
N ARG A 300 32.33 -6.88 -16.07
CA ARG A 300 32.48 -7.86 -15.00
C ARG A 300 32.42 -7.15 -13.65
N GLU A 301 32.40 -7.93 -12.57
CA GLU A 301 32.29 -7.36 -11.24
C GLU A 301 33.47 -6.47 -10.88
N ASN A 302 34.60 -6.61 -11.58
CA ASN A 302 35.80 -5.83 -11.30
C ASN A 302 36.02 -4.72 -12.30
N SER A 303 35.03 -4.39 -13.12
CA SER A 303 35.19 -3.39 -14.15
C SER A 303 35.17 -1.98 -13.56
N VAL A 304 35.87 -1.07 -14.23
CA VAL A 304 35.95 0.33 -13.85
C VAL A 304 35.42 1.16 -15.01
N LEU A 305 34.38 1.95 -14.76
CA LEU A 305 33.71 2.72 -15.80
C LEU A 305 34.17 4.17 -15.77
N ASN A 306 34.37 4.73 -16.96
CA ASN A 306 34.72 6.15 -17.11
C ASN A 306 33.44 6.96 -16.96
N THR A 307 33.27 7.60 -15.80
CA THR A 307 32.05 8.31 -15.46
C THR A 307 32.17 9.82 -15.66
N ILE A 308 32.95 10.25 -16.64
CA ILE A 308 33.04 11.68 -16.95
C ILE A 308 31.76 12.13 -17.63
N PRO A 309 31.18 13.26 -17.24
CA PRO A 309 29.90 13.68 -17.84
C PRO A 309 30.05 13.96 -19.34
N TYR A 310 29.07 13.47 -20.10
CA TYR A 310 29.05 13.66 -21.54
C TYR A 310 27.67 14.13 -21.98
N ARG A 311 27.41 14.15 -23.29
CA ARG A 311 26.15 14.63 -23.84
C ARG A 311 25.64 13.64 -24.86
N ILE A 312 24.48 13.05 -24.57
CA ILE A 312 23.82 12.12 -25.49
C ILE A 312 22.68 12.86 -26.17
N ASN A 313 22.75 12.95 -27.51
CA ASN A 313 21.74 13.63 -28.31
C ASN A 313 21.60 15.10 -27.94
N GLY A 314 22.69 15.72 -27.48
CA GLY A 314 22.72 17.14 -27.21
C GLY A 314 22.41 17.55 -25.79
N HIS A 315 21.90 16.64 -24.96
CA HIS A 315 21.56 16.95 -23.58
C HIS A 315 22.66 16.46 -22.64
N GLU A 316 22.94 17.26 -21.62
CA GLU A 316 24.03 16.97 -20.69
C GLU A 316 23.64 15.86 -19.72
N ILE A 317 24.49 14.86 -19.60
CA ILE A 317 24.33 13.78 -18.64
C ILE A 317 25.39 13.98 -17.56
N LYS A 318 24.97 14.35 -16.36
CA LYS A 318 25.87 14.66 -15.26
C LYS A 318 25.48 13.87 -14.02
N ASP A 319 26.49 13.48 -13.25
CA ASP A 319 26.27 12.76 -12.00
C ASP A 319 26.00 13.74 -10.86
N VAL A 320 25.85 13.20 -9.66
CA VAL A 320 25.66 14.04 -8.48
C VAL A 320 26.94 14.81 -8.18
N ALA A 321 28.10 14.17 -8.36
CA ALA A 321 29.40 14.81 -8.20
C ALA A 321 30.29 14.41 -9.37
N ARG A 322 31.45 15.05 -9.44
CA ARG A 322 32.40 14.81 -10.53
C ARG A 322 33.26 13.61 -10.18
N TYR A 323 32.96 12.46 -10.78
CA TYR A 323 33.72 11.23 -10.59
C TYR A 323 34.39 10.87 -11.91
N SER A 324 35.73 10.86 -11.91
CA SER A 324 36.46 10.53 -13.13
C SER A 324 36.28 9.07 -13.52
N GLU A 325 36.32 8.17 -12.54
CA GLU A 325 36.13 6.75 -12.77
C GLU A 325 35.51 6.13 -11.53
N LEU A 326 34.76 5.05 -11.73
CA LEU A 326 34.06 4.39 -10.64
C LEU A 326 34.07 2.89 -10.84
N THR A 327 34.04 2.16 -9.73
CA THR A 327 33.91 0.71 -9.75
C THR A 327 32.47 0.32 -10.07
N LEU A 328 32.30 -0.92 -10.55
CA LEU A 328 30.95 -1.43 -10.76
C LEU A 328 30.14 -1.38 -9.48
N THR A 329 30.76 -1.75 -8.36
CA THR A 329 30.11 -1.55 -7.06
C THR A 329 29.97 -0.07 -6.74
N GLY A 330 30.92 0.75 -7.18
CA GLY A 330 30.87 2.18 -6.89
C GLY A 330 29.81 2.93 -7.66
N VAL A 331 29.30 2.35 -8.76
CA VAL A 331 28.24 3.00 -9.51
C VAL A 331 26.94 3.03 -8.70
N LEU A 332 26.56 1.87 -8.13
CA LEU A 332 25.39 1.83 -7.28
C LEU A 332 25.62 2.57 -5.97
N GLN A 333 26.88 2.69 -5.54
CA GLN A 333 27.19 3.41 -4.32
C GLN A 333 26.91 4.90 -4.46
N LYS A 334 27.55 5.55 -5.42
CA LYS A 334 27.42 6.98 -5.61
C LYS A 334 26.20 7.37 -6.45
N SER A 335 25.47 6.39 -6.98
CA SER A 335 24.34 6.63 -7.88
C SER A 335 24.76 7.51 -9.06
N SER A 336 25.60 6.92 -9.90
CA SER A 336 26.15 7.61 -11.06
C SER A 336 25.23 7.40 -12.26
N ASN A 337 24.59 8.49 -12.72
CA ASN A 337 23.77 8.41 -13.92
C ASN A 337 24.64 8.21 -15.16
N VAL A 338 25.86 8.74 -15.15
CA VAL A 338 26.76 8.54 -16.29
C VAL A 338 27.16 7.08 -16.40
N GLY A 339 27.30 6.38 -15.27
CA GLY A 339 27.69 4.98 -15.32
C GLY A 339 26.61 4.10 -15.88
N VAL A 340 25.37 4.28 -15.42
CA VAL A 340 24.27 3.44 -15.90
C VAL A 340 23.88 3.81 -17.32
N SER A 341 24.10 5.07 -17.72
CA SER A 341 23.76 5.47 -19.07
C SER A 341 24.71 4.84 -20.09
N LYS A 342 26.01 4.84 -19.80
CA LYS A 342 26.97 4.21 -20.70
C LYS A 342 26.77 2.70 -20.76
N LEU A 343 26.23 2.11 -19.68
CA LEU A 343 25.90 0.68 -19.72
C LEU A 343 24.65 0.43 -20.56
N ALA A 344 23.64 1.29 -20.43
CA ALA A 344 22.42 1.13 -21.21
C ALA A 344 22.68 1.35 -22.69
N LEU A 345 23.57 2.27 -23.03
CA LEU A 345 23.92 2.51 -24.43
C LEU A 345 24.72 1.36 -25.02
N ALA A 346 25.40 0.58 -24.19
CA ALA A 346 26.20 -0.55 -24.66
C ALA A 346 25.38 -1.84 -24.78
N MET A 347 24.06 -1.75 -24.69
CA MET A 347 23.16 -2.88 -24.78
C MET A 347 22.03 -2.56 -25.75
N PRO A 348 21.36 -3.58 -26.28
CA PRO A 348 20.11 -3.32 -27.00
C PRO A 348 19.06 -2.77 -26.04
N SER A 349 18.25 -1.84 -26.54
CA SER A 349 17.29 -1.17 -25.67
C SER A 349 16.28 -2.16 -25.08
N SER A 350 16.03 -3.28 -25.78
CA SER A 350 15.12 -4.28 -25.28
C SER A 350 15.64 -5.02 -24.05
N ALA A 351 16.94 -4.88 -23.74
CA ALA A 351 17.50 -5.57 -22.59
C ALA A 351 16.89 -5.05 -21.29
N LEU A 352 16.97 -3.74 -21.07
CA LEU A 352 16.40 -3.16 -19.84
C LEU A 352 14.89 -3.25 -19.84
N VAL A 353 14.25 -3.16 -21.01
CA VAL A 353 12.80 -3.30 -21.09
C VAL A 353 12.39 -4.71 -20.70
N ASP A 354 13.19 -5.71 -21.07
CA ASP A 354 12.89 -7.08 -20.71
C ASP A 354 13.10 -7.32 -19.22
N THR A 355 14.26 -6.94 -18.70
CA THR A 355 14.60 -7.25 -17.31
C THR A 355 13.64 -6.58 -16.34
N TYR A 356 13.25 -5.33 -16.61
CA TYR A 356 12.30 -4.65 -15.75
C TYR A 356 10.98 -5.40 -15.70
N SER A 357 10.54 -5.96 -16.83
CA SER A 357 9.30 -6.73 -16.86
C SER A 357 9.43 -8.02 -16.08
N ARG A 358 10.61 -8.66 -16.13
CA ARG A 358 10.79 -9.91 -15.41
C ARG A 358 10.67 -9.71 -13.90
N PHE A 359 10.98 -8.52 -13.41
CA PHE A 359 10.88 -8.22 -11.98
C PHE A 359 9.51 -7.68 -11.58
N GLY A 360 8.56 -7.63 -12.50
CA GLY A 360 7.19 -7.27 -12.17
C GLY A 360 6.76 -5.88 -12.58
N LEU A 361 7.66 -5.07 -13.14
CA LEU A 361 7.27 -3.73 -13.56
C LEU A 361 6.40 -3.79 -14.82
N GLY A 362 5.38 -2.93 -14.87
CA GLY A 362 4.42 -2.96 -15.94
C GLY A 362 3.39 -4.08 -15.84
N LYS A 363 3.62 -5.07 -14.99
CA LYS A 363 2.68 -6.16 -14.79
C LYS A 363 1.71 -5.82 -13.66
N ALA A 364 0.54 -6.46 -13.69
CA ALA A 364 -0.44 -6.27 -12.63
C ALA A 364 0.01 -6.97 -11.36
N THR A 365 -0.35 -6.38 -10.22
CA THR A 365 -0.04 -6.97 -8.92
C THR A 365 -1.04 -8.02 -8.48
N ASN A 366 -2.26 -8.00 -9.04
CA ASN A 366 -3.24 -9.08 -8.86
C ASN A 366 -3.60 -9.29 -7.39
N LEU A 367 -3.85 -8.20 -6.67
CA LEU A 367 -4.34 -8.31 -5.30
C LEU A 367 -5.86 -8.26 -5.21
N GLY A 368 -6.53 -7.79 -6.26
CA GLY A 368 -7.97 -7.67 -6.25
C GLY A 368 -8.51 -6.45 -5.54
N LEU A 369 -7.64 -5.53 -5.13
CA LEU A 369 -8.09 -4.32 -4.45
C LEU A 369 -8.60 -3.29 -5.44
N VAL A 370 -9.56 -2.48 -4.98
CA VAL A 370 -10.14 -1.45 -5.84
C VAL A 370 -9.16 -0.30 -5.99
N GLY A 371 -9.06 0.24 -7.20
CA GLY A 371 -8.11 1.30 -7.48
C GLY A 371 -6.69 0.82 -7.68
N GLU A 372 -6.49 -0.47 -7.94
CA GLU A 372 -5.16 -1.04 -8.09
C GLU A 372 -4.66 -0.77 -9.50
N ARG A 373 -3.64 0.07 -9.63
CA ARG A 373 -3.07 0.42 -10.92
C ARG A 373 -1.86 -0.45 -11.24
N SER A 374 -1.69 -0.76 -12.52
CA SER A 374 -0.53 -1.49 -13.01
C SER A 374 0.60 -0.57 -13.47
N GLY A 375 0.41 0.74 -13.41
CA GLY A 375 1.45 1.70 -13.76
C GLY A 375 1.67 1.86 -15.25
N LEU A 376 2.36 2.93 -15.66
CA LEU A 376 2.66 3.15 -17.06
C LEU A 376 4.02 2.53 -17.39
N TYR A 377 4.06 1.73 -18.45
CA TYR A 377 5.26 1.04 -18.86
C TYR A 377 5.45 1.21 -20.36
N PRO A 378 6.61 1.70 -20.80
CA PRO A 378 6.80 1.96 -22.24
C PRO A 378 6.90 0.67 -23.04
N GLN A 379 6.19 0.64 -24.17
CA GLN A 379 6.23 -0.49 -25.09
C GLN A 379 6.79 -0.08 -26.45
N LYS A 380 7.52 1.03 -26.50
CA LYS A 380 7.99 1.58 -27.76
C LYS A 380 8.87 0.59 -28.51
N GLN A 381 8.70 0.55 -29.83
CA GLN A 381 9.58 -0.25 -30.69
C GLN A 381 10.83 0.51 -31.11
N ARG A 382 10.79 1.84 -31.09
CA ARG A 382 11.93 2.68 -31.45
C ARG A 382 12.35 3.48 -30.23
N TRP A 383 13.66 3.48 -29.94
CA TRP A 383 14.21 4.16 -28.78
C TRP A 383 15.30 5.13 -29.21
N SER A 384 15.22 6.35 -28.70
CA SER A 384 16.27 7.33 -28.91
C SER A 384 17.39 7.13 -27.89
N ASP A 385 18.62 7.42 -28.33
CA ASP A 385 19.78 7.19 -27.47
C ASP A 385 19.66 7.92 -26.14
N ILE A 386 19.08 9.12 -26.15
CA ILE A 386 18.86 9.84 -24.89
C ILE A 386 17.75 9.16 -24.08
N GLU A 387 16.77 8.55 -24.75
CA GLU A 387 15.72 7.85 -24.05
C GLU A 387 16.18 6.49 -23.54
N ARG A 388 17.17 5.89 -24.20
CA ARG A 388 17.76 4.66 -23.68
C ARG A 388 18.59 4.93 -22.42
N ALA A 389 19.29 6.07 -22.40
CA ALA A 389 20.15 6.39 -21.26
C ALA A 389 19.32 6.76 -20.04
N THR A 390 18.33 7.64 -20.22
CA THR A 390 17.49 8.06 -19.11
C THR A 390 16.64 6.90 -18.59
N PHE A 391 16.34 5.92 -19.43
CA PHE A 391 15.58 4.76 -18.99
C PHE A 391 16.36 3.91 -18.00
N SER A 392 17.69 4.05 -17.95
CA SER A 392 18.49 3.28 -17.01
C SER A 392 18.30 3.79 -15.59
N PHE A 393 18.08 5.08 -15.40
CA PHE A 393 17.96 5.67 -14.07
C PHE A 393 16.62 6.37 -13.87
N GLY A 394 15.53 5.76 -14.34
CA GLY A 394 14.22 6.20 -13.93
C GLY A 394 13.27 6.67 -15.02
N TYR A 395 13.70 7.63 -15.84
CA TYR A 395 12.81 8.25 -16.81
C TYR A 395 12.27 7.22 -17.80
N GLY A 396 10.95 7.23 -18.00
CA GLY A 396 10.35 6.38 -19.01
C GLY A 396 9.17 5.55 -18.55
N LEU A 397 9.20 5.10 -17.30
CA LEU A 397 8.17 4.21 -16.78
C LEU A 397 7.64 4.73 -15.45
N MET A 398 6.43 4.30 -15.11
CA MET A 398 5.78 4.67 -13.86
C MET A 398 5.28 3.40 -13.18
N VAL A 399 5.57 3.27 -11.89
CA VAL A 399 5.22 2.07 -11.13
C VAL A 399 4.69 2.46 -9.76
N THR A 400 3.82 1.63 -9.22
CA THR A 400 3.29 1.84 -7.88
C THR A 400 4.29 1.37 -6.84
N PRO A 401 4.21 1.90 -5.62
CA PRO A 401 5.11 1.41 -4.55
C PRO A 401 4.99 -0.09 -4.32
N LEU A 402 3.82 -0.68 -4.56
CA LEU A 402 3.68 -2.13 -4.43
C LEU A 402 4.46 -2.86 -5.51
N GLN A 403 4.46 -2.33 -6.73
CA GLN A 403 5.26 -2.93 -7.80
C GLN A 403 6.75 -2.81 -7.52
N LEU A 404 7.17 -1.67 -6.95
CA LEU A 404 8.58 -1.52 -6.60
C LEU A 404 8.99 -2.45 -5.47
N ALA A 405 8.06 -2.77 -4.56
CA ALA A 405 8.36 -3.73 -3.50
C ALA A 405 8.52 -5.14 -4.06
N ARG A 406 7.69 -5.50 -5.04
CA ARG A 406 7.81 -6.83 -5.65
C ARG A 406 9.11 -6.96 -6.43
N VAL A 407 9.66 -5.85 -6.93
CA VAL A 407 10.96 -5.89 -7.59
C VAL A 407 12.04 -6.31 -6.60
N TYR A 408 12.07 -5.66 -5.44
CA TYR A 408 13.05 -6.02 -4.42
C TYR A 408 12.67 -7.29 -3.67
N ALA A 409 11.40 -7.71 -3.75
CA ALA A 409 11.04 -9.04 -3.29
C ALA A 409 11.63 -10.13 -4.17
N THR A 410 11.96 -9.80 -5.42
CA THR A 410 12.68 -10.72 -6.30
C THR A 410 14.19 -10.57 -6.15
N ILE A 411 14.67 -9.35 -5.93
CA ILE A 411 16.09 -9.14 -5.64
C ILE A 411 16.48 -9.88 -4.38
N GLY A 412 15.64 -9.81 -3.33
CA GLY A 412 15.92 -10.54 -2.12
C GLY A 412 15.86 -12.03 -2.30
N SER A 413 15.01 -12.52 -3.20
CA SER A 413 14.91 -13.94 -3.49
C SER A 413 15.99 -14.42 -4.45
N TYR A 414 16.94 -13.56 -4.79
CA TYR A 414 18.05 -13.89 -5.69
C TYR A 414 17.55 -14.38 -7.05
N GLY A 415 16.51 -13.72 -7.55
CA GLY A 415 16.00 -14.00 -8.87
C GLY A 415 14.80 -14.91 -8.95
N ILE A 416 13.95 -14.95 -7.91
CA ILE A 416 12.74 -15.75 -7.91
C ILE A 416 11.55 -14.81 -7.84
N TYR A 417 10.65 -14.92 -8.80
CA TYR A 417 9.50 -14.04 -8.93
C TYR A 417 8.29 -14.72 -8.30
N ARG A 418 7.86 -14.23 -7.13
CA ARG A 418 6.72 -14.81 -6.45
C ARG A 418 5.52 -13.86 -6.48
N PRO A 419 4.31 -14.39 -6.64
CA PRO A 419 3.14 -13.51 -6.70
C PRO A 419 2.82 -12.88 -5.36
N LEU A 420 2.28 -11.68 -5.41
CA LEU A 420 1.89 -10.97 -4.19
C LEU A 420 0.51 -11.41 -3.75
N SER A 421 0.36 -11.66 -2.45
CA SER A 421 -0.90 -12.09 -1.88
C SER A 421 -1.10 -11.40 -0.54
N ILE A 422 -2.34 -10.96 -0.29
CA ILE A 422 -2.68 -10.32 0.96
C ILE A 422 -3.38 -11.28 1.92
N THR A 423 -3.24 -12.58 1.70
CA THR A 423 -3.80 -13.60 2.59
C THR A 423 -2.69 -14.51 3.08
N LYS A 424 -2.94 -15.15 4.22
CA LYS A 424 -1.98 -16.10 4.77
C LYS A 424 -1.84 -17.30 3.84
N VAL A 425 -0.63 -17.54 3.34
CA VAL A 425 -0.36 -18.58 2.37
C VAL A 425 0.20 -19.80 3.09
N ASP A 426 -0.24 -20.98 2.66
CA ASP A 426 0.31 -22.24 3.17
C ASP A 426 1.63 -22.52 2.47
N PRO A 427 2.75 -22.53 3.20
CA PRO A 427 4.05 -22.75 2.56
C PRO A 427 4.15 -24.15 1.98
N PRO A 428 5.06 -24.37 1.01
CA PRO A 428 5.94 -23.36 0.43
C PRO A 428 5.32 -22.62 -0.76
N VAL A 429 5.90 -21.50 -1.14
CA VAL A 429 5.43 -20.73 -2.28
C VAL A 429 6.37 -20.96 -3.46
N PRO A 430 6.00 -21.80 -4.43
CA PRO A 430 6.86 -22.04 -5.59
C PRO A 430 6.81 -20.88 -6.58
N GLY A 431 7.89 -20.10 -6.63
CA GLY A 431 7.95 -18.97 -7.53
C GLY A 431 8.37 -19.37 -8.93
N GLU A 432 9.23 -18.55 -9.54
CA GLU A 432 9.74 -18.84 -10.89
C GLU A 432 11.02 -18.06 -11.08
N ARG A 433 12.13 -18.76 -11.30
CA ARG A 433 13.43 -18.11 -11.45
C ARG A 433 13.44 -17.30 -12.75
N VAL A 434 13.52 -15.97 -12.61
CA VAL A 434 13.53 -15.08 -13.77
C VAL A 434 14.93 -14.53 -14.06
N PHE A 435 15.90 -14.75 -13.18
CA PHE A 435 17.25 -14.25 -13.34
C PHE A 435 18.20 -15.21 -12.67
N PRO A 436 19.44 -15.34 -13.16
CA PRO A 436 20.39 -16.26 -12.52
C PRO A 436 20.66 -15.86 -11.08
N GLU A 437 20.75 -16.88 -10.22
CA GLU A 437 20.96 -16.65 -8.80
C GLU A 437 22.33 -16.06 -8.50
N SER A 438 23.34 -16.40 -9.31
CA SER A 438 24.70 -15.94 -9.03
C SER A 438 24.85 -14.44 -9.26
N ILE A 439 24.24 -13.92 -10.32
CA ILE A 439 24.39 -12.51 -10.64
C ILE A 439 23.72 -11.64 -9.56
N VAL A 440 22.53 -12.03 -9.11
CA VAL A 440 21.84 -11.26 -8.09
C VAL A 440 22.63 -11.26 -6.79
N ARG A 441 23.22 -12.40 -6.43
CA ARG A 441 24.05 -12.47 -5.23
C ARG A 441 25.20 -11.48 -5.29
N THR A 442 25.81 -11.32 -6.47
CA THR A 442 26.89 -10.37 -6.62
C THR A 442 26.40 -8.94 -6.47
N VAL A 443 25.27 -8.61 -7.10
CA VAL A 443 24.77 -7.25 -7.06
C VAL A 443 24.18 -6.92 -5.70
N VAL A 444 23.55 -7.90 -5.04
CA VAL A 444 23.04 -7.69 -3.69
C VAL A 444 24.19 -7.33 -2.75
N HIS A 445 25.31 -8.04 -2.86
CA HIS A 445 26.49 -7.68 -2.07
C HIS A 445 27.03 -6.32 -2.47
N MET A 446 26.88 -5.95 -3.75
CA MET A 446 27.29 -4.62 -4.19
C MET A 446 26.40 -3.54 -3.57
N MET A 447 25.10 -3.82 -3.45
CA MET A 447 24.17 -2.84 -2.89
C MET A 447 24.44 -2.57 -1.41
N GLU A 448 25.22 -3.43 -0.74
CA GLU A 448 25.53 -3.19 0.66
C GLU A 448 26.40 -1.95 0.86
N SER A 449 27.13 -1.52 -0.18
CA SER A 449 27.96 -0.34 -0.07
C SER A 449 27.14 0.94 0.11
N VAL A 450 25.85 0.91 -0.22
CA VAL A 450 25.00 2.08 -0.06
C VAL A 450 24.82 2.40 1.41
N ALA A 451 24.69 1.37 2.25
CA ALA A 451 24.51 1.54 3.68
C ALA A 451 25.83 1.51 4.45
N LEU A 452 26.95 1.71 3.77
CA LEU A 452 28.26 1.78 4.39
C LEU A 452 28.85 3.17 4.18
N PRO A 453 29.80 3.59 5.04
CA PRO A 453 30.42 4.91 4.85
C PRO A 453 30.95 5.13 3.44
N GLY A 454 30.44 6.16 2.77
CA GLY A 454 30.76 6.43 1.37
C GLY A 454 29.58 6.30 0.45
N GLY A 455 28.55 5.53 0.82
CA GLY A 455 27.37 5.38 0.01
C GLY A 455 26.37 6.50 0.20
N GLY A 456 25.24 6.37 -0.47
CA GLY A 456 24.19 7.37 -0.41
C GLY A 456 23.22 7.15 0.74
N GLY A 457 23.01 5.90 1.12
CA GLY A 457 22.09 5.57 2.19
C GLY A 457 22.79 5.22 3.49
N VAL A 458 23.83 5.98 3.83
CA VAL A 458 24.56 5.71 5.08
C VAL A 458 23.71 6.06 6.29
N LYS A 459 22.77 7.00 6.14
CA LYS A 459 21.87 7.32 7.24
C LYS A 459 20.83 6.22 7.45
N ALA A 460 20.62 5.35 6.47
CA ALA A 460 19.69 4.23 6.65
C ALA A 460 20.36 3.01 7.26
N ALA A 461 21.67 3.06 7.52
CA ALA A 461 22.36 1.91 8.06
C ALA A 461 21.87 1.58 9.47
N ILE A 462 21.67 0.29 9.72
CA ILE A 462 21.20 -0.19 11.01
C ILE A 462 22.40 -0.67 11.81
N LYS A 463 22.45 -0.27 13.09
CA LYS A 463 23.53 -0.69 13.97
C LYS A 463 23.38 -2.18 14.28
N GLY A 464 24.31 -2.98 13.79
CA GLY A 464 24.32 -4.39 14.05
C GLY A 464 23.73 -5.29 12.97
N TYR A 465 23.64 -4.80 11.74
CA TYR A 465 23.07 -5.60 10.66
C TYR A 465 23.72 -5.22 9.34
N ARG A 466 23.63 -6.15 8.39
CA ARG A 466 24.03 -5.92 7.00
C ARG A 466 22.77 -5.75 6.17
N ILE A 467 22.64 -4.62 5.48
CA ILE A 467 21.51 -4.35 4.61
C ILE A 467 22.02 -3.92 3.25
N ALA A 468 21.24 -4.22 2.21
CA ALA A 468 21.56 -3.85 0.84
C ALA A 468 20.40 -3.04 0.29
N ILE A 469 20.62 -1.74 0.08
CA ILE A 469 19.57 -0.80 -0.28
C ILE A 469 19.98 -0.03 -1.53
N LYS A 470 19.07 0.80 -2.00
CA LYS A 470 19.32 1.70 -3.13
C LYS A 470 18.42 2.91 -2.99
N THR A 471 19.03 4.09 -2.84
CA THR A 471 18.26 5.32 -2.70
C THR A 471 17.84 5.84 -4.07
N GLY A 472 16.90 6.79 -4.05
CA GLY A 472 16.39 7.35 -5.28
C GLY A 472 15.76 8.71 -5.06
N THR A 473 15.70 9.49 -6.13
CA THR A 473 15.10 10.82 -6.09
C THR A 473 14.53 11.12 -7.47
N ALA A 474 13.20 11.14 -7.57
CA ALA A 474 12.52 11.35 -8.83
C ALA A 474 12.00 12.78 -8.92
N LYS A 475 11.90 13.27 -10.15
CA LYS A 475 11.30 14.57 -10.43
C LYS A 475 9.83 14.36 -10.80
N LYS A 476 8.94 14.95 -10.03
CA LYS A 476 7.51 14.77 -10.24
C LYS A 476 7.09 15.41 -11.57
N VAL A 477 6.57 14.59 -12.48
CA VAL A 477 5.87 15.15 -13.64
C VAL A 477 4.61 15.84 -13.16
N GLY A 478 4.31 16.99 -13.74
CA GLY A 478 3.30 17.87 -13.20
C GLY A 478 1.96 17.78 -13.90
N PRO A 479 1.11 18.78 -13.66
CA PRO A 479 -0.21 18.76 -14.31
C PRO A 479 -0.15 18.96 -15.80
N ASP A 480 0.68 19.88 -16.28
CA ASP A 480 0.79 20.17 -17.70
C ASP A 480 1.76 19.25 -18.44
N GLY A 481 2.31 18.25 -17.76
CA GLY A 481 3.21 17.30 -18.38
C GLY A 481 4.69 17.61 -18.19
N ARG A 482 5.03 18.83 -17.78
CA ARG A 482 6.41 19.21 -17.55
C ARG A 482 6.83 18.87 -16.12
N TYR A 483 8.13 18.80 -15.91
CA TYR A 483 8.67 18.45 -14.60
C TYR A 483 8.61 19.66 -13.67
N ILE A 484 8.18 19.42 -12.44
CA ILE A 484 8.05 20.45 -11.44
C ILE A 484 9.25 20.38 -10.50
N ASN A 485 9.41 21.39 -9.66
CA ASN A 485 10.48 21.44 -8.67
C ASN A 485 10.18 20.63 -7.42
N LYS A 486 9.21 19.72 -7.48
CA LYS A 486 8.88 18.82 -6.39
C LYS A 486 9.45 17.43 -6.68
N TYR A 487 9.91 16.75 -5.64
CA TYR A 487 10.64 15.50 -5.80
C TYR A 487 9.98 14.38 -5.01
N ILE A 488 10.31 13.15 -5.42
CA ILE A 488 9.86 11.94 -4.75
C ILE A 488 11.08 11.27 -4.13
N ALA A 489 11.07 11.11 -2.81
CA ALA A 489 12.19 10.52 -2.09
C ALA A 489 12.00 9.00 -2.02
N TYR A 490 12.96 8.27 -2.55
CA TYR A 490 12.92 6.81 -2.59
C TYR A 490 14.00 6.20 -1.70
N THR A 491 13.68 5.02 -1.16
CA THR A 491 14.67 4.21 -0.44
C THR A 491 14.10 2.80 -0.34
N ALA A 492 14.69 1.87 -1.10
CA ALA A 492 14.22 0.49 -1.15
C ALA A 492 15.42 -0.45 -1.05
N GLY A 493 15.26 -1.51 -0.27
CA GLY A 493 16.34 -2.46 -0.11
C GLY A 493 15.85 -3.74 0.52
N VAL A 494 16.80 -4.64 0.78
CA VAL A 494 16.52 -5.93 1.39
C VAL A 494 17.42 -6.12 2.60
N ALA A 495 16.98 -6.97 3.52
CA ALA A 495 17.73 -7.30 4.72
C ALA A 495 17.17 -8.58 5.30
N PRO A 496 18.00 -9.42 5.94
CA PRO A 496 19.45 -9.29 6.12
C PRO A 496 20.23 -9.51 4.83
N ALA A 497 21.34 -8.80 4.67
CA ALA A 497 22.14 -8.93 3.45
C ALA A 497 22.78 -10.30 3.32
N SER A 498 23.01 -11.00 4.44
CA SER A 498 23.57 -12.33 4.38
C SER A 498 22.54 -13.35 3.89
N GLN A 499 21.36 -13.36 4.51
CA GLN A 499 20.26 -14.21 4.10
C GLN A 499 18.99 -13.36 4.05
N PRO A 500 18.62 -12.85 2.87
CA PRO A 500 17.47 -11.95 2.79
C PRO A 500 16.18 -12.63 3.22
N ARG A 501 15.36 -11.88 3.96
CA ARG A 501 14.09 -12.39 4.45
C ARG A 501 12.95 -11.39 4.20
N PHE A 502 13.28 -10.10 4.18
CA PHE A 502 12.28 -9.06 4.01
C PHE A 502 12.76 -8.03 2.99
N ALA A 503 11.80 -7.46 2.26
CA ALA A 503 12.05 -6.40 1.31
C ALA A 503 11.16 -5.23 1.65
N LEU A 504 11.75 -4.04 1.80
CA LEU A 504 11.03 -2.85 2.25
C LEU A 504 11.19 -1.74 1.23
N VAL A 505 10.14 -0.95 1.06
CA VAL A 505 10.15 0.24 0.22
C VAL A 505 9.57 1.39 1.03
N VAL A 506 10.30 2.51 1.07
CA VAL A 506 9.85 3.72 1.74
C VAL A 506 9.85 4.85 0.71
N VAL A 507 8.67 5.30 0.32
CA VAL A 507 8.53 6.38 -0.65
C VAL A 507 7.63 7.45 -0.02
N ILE A 508 8.12 8.69 -0.01
CA ILE A 508 7.35 9.81 0.50
C ILE A 508 7.21 10.84 -0.62
N ASN A 509 6.07 11.54 -0.62
CA ASN A 509 5.68 12.40 -1.72
C ASN A 509 5.94 13.86 -1.35
N ASP A 510 6.87 14.49 -2.05
CA ASP A 510 7.08 15.94 -2.03
C ASP A 510 7.48 16.45 -0.65
N PRO A 511 8.73 16.25 -0.23
CA PRO A 511 9.18 16.85 1.03
C PRO A 511 9.41 18.34 0.88
N GLN A 512 9.10 19.08 1.94
CA GLN A 512 9.19 20.53 1.93
C GLN A 512 9.93 21.11 3.12
N ALA A 513 10.46 20.28 4.03
CA ALA A 513 11.06 20.79 5.25
C ALA A 513 12.52 21.23 5.07
N GLY A 514 13.17 20.83 3.98
CA GLY A 514 14.54 21.21 3.76
C GLY A 514 15.23 20.36 2.72
N LYS A 515 15.48 19.09 3.06
CA LYS A 515 16.08 18.15 2.11
C LYS A 515 14.98 17.43 1.33
N TYR A 516 15.39 16.81 0.22
CA TYR A 516 14.42 16.15 -0.67
C TYR A 516 14.88 14.82 -1.21
N TYR A 517 16.16 14.50 -1.20
CA TYR A 517 16.62 13.22 -1.75
C TYR A 517 16.39 12.10 -0.75
N GLY A 518 16.18 10.89 -1.29
CA GLY A 518 15.90 9.75 -0.44
C GLY A 518 17.01 9.45 0.55
N GLY A 519 18.26 9.69 0.16
CA GLY A 519 19.39 9.41 1.04
C GLY A 519 19.43 10.26 2.29
N ALA A 520 18.73 11.39 2.30
CA ALA A 520 18.69 12.27 3.45
C ALA A 520 17.31 12.40 4.07
N VAL A 521 16.25 11.97 3.38
CA VAL A 521 14.88 12.15 3.83
C VAL A 521 14.18 10.81 4.03
N SER A 522 14.21 9.95 3.00
CA SER A 522 13.54 8.66 3.06
C SER A 522 14.42 7.54 3.60
N ALA A 523 15.75 7.73 3.60
CA ALA A 523 16.63 6.67 4.10
C ALA A 523 16.55 6.50 5.60
N PRO A 524 16.63 7.55 6.43
CA PRO A 524 16.49 7.34 7.88
C PRO A 524 15.18 6.70 8.28
N VAL A 525 14.12 6.84 7.47
CA VAL A 525 12.89 6.12 7.73
C VAL A 525 13.09 4.62 7.50
N PHE A 526 13.92 4.25 6.53
CA PHE A 526 14.18 2.85 6.25
C PHE A 526 14.90 2.19 7.42
N GLY A 527 16.00 2.80 7.88
CA GLY A 527 16.75 2.22 8.98
C GLY A 527 15.96 2.12 10.27
N ALA A 528 15.09 3.09 10.53
CA ALA A 528 14.26 3.03 11.72
C ALA A 528 13.19 1.94 11.60
N ILE A 529 12.60 1.80 10.41
CA ILE A 529 11.58 0.77 10.20
C ILE A 529 12.23 -0.60 10.15
N MET A 530 13.18 -0.79 9.22
CA MET A 530 13.81 -2.10 9.07
C MET A 530 14.54 -2.52 10.34
N GLY A 531 15.02 -1.55 11.12
CA GLY A 531 15.59 -1.88 12.41
C GLY A 531 14.59 -2.55 13.32
N GLY A 532 13.38 -2.00 13.40
CA GLY A 532 12.33 -2.58 14.22
C GLY A 532 11.79 -3.89 13.67
N VAL A 533 11.90 -4.12 12.36
CA VAL A 533 11.41 -5.37 11.79
C VAL A 533 12.30 -6.53 12.20
N LEU A 534 13.61 -6.31 12.23
CA LEU A 534 14.52 -7.39 12.59
C LEU A 534 14.50 -7.68 14.10
N ARG A 535 14.26 -6.66 14.92
CA ARG A 535 14.16 -6.89 16.36
C ARG A 535 12.89 -7.66 16.69
N THR A 536 11.78 -7.33 16.03
CA THR A 536 10.51 -8.01 16.32
C THR A 536 10.54 -9.46 15.84
N MET A 537 11.16 -9.72 14.69
CA MET A 537 11.24 -11.07 14.14
C MET A 537 12.41 -11.88 14.70
N ASN A 538 13.21 -11.29 15.59
CA ASN A 538 14.32 -11.98 16.25
C ASN A 538 15.30 -12.56 15.23
N ILE A 539 15.83 -11.68 14.39
CA ILE A 539 16.78 -12.08 13.36
C ILE A 539 18.20 -11.87 13.90
N GLU A 540 19.07 -12.84 13.65
CA GLU A 540 20.42 -12.76 14.17
C GLU A 540 21.21 -11.65 13.46
N PRO A 541 22.00 -10.89 14.21
CA PRO A 541 22.80 -9.83 13.58
C PRO A 541 23.85 -10.39 12.63
N ASP A 542 24.17 -9.60 11.60
CA ASP A 542 25.18 -9.97 10.63
C ASP A 542 26.37 -9.02 10.62
N ALA A 543 26.35 -7.97 11.44
CA ALA A 543 27.45 -7.01 11.44
C ALA A 543 28.74 -7.68 11.90
N LEU A 544 29.86 -7.12 11.44
CA LEU A 544 31.17 -7.63 11.85
C LEU A 544 31.36 -7.46 13.36
N THR A 545 30.86 -6.38 13.92
CA THR A 545 30.92 -6.14 15.36
C THR A 545 29.66 -6.59 16.08
N THR A 546 28.83 -7.41 15.42
CA THR A 546 27.59 -7.92 16.00
C THR A 546 26.68 -6.79 16.49
#